data_8ULH
#
_entry.id   8ULH
#
_cell.length_a   63.456
_cell.length_b   82.563
_cell.length_c   112.234
_cell.angle_alpha   90.000
_cell.angle_beta   90.000
_cell.angle_gamma   90.000
#
_symmetry.space_group_name_H-M   'P 21 21 21'
#
loop_
_entity.id
_entity.type
_entity.pdbx_description
1 polymer '1G12 Fab heavy chain'
2 polymer '1G12 Fab light chain'
3 water water
#
loop_
_entity_poly.entity_id
_entity_poly.type
_entity_poly.pdbx_seq_one_letter_code
_entity_poly.pdbx_strand_id
1 'polypeptide(L)'
;QVQLVQSGAEVKKSGASVQVSCKASGYPFGNYGITWVRQAPGQGLEWMGWISAYNGQTYYAEKFQGRVTMTTDTSTSTGY
MELRSLRSDDTAVYFCARDVPVVAAVLRDYWGQGVTVSSSSASTKGPSVFPLAPGTAALGCLVKDYFPEPVTVSWNSGAL
TSGVHTFPAVLQSSGLYSLSSVVTVPSSSLGTQTYICNVNHKPSNTKVDKRVEPKSCDKGSENLYFQGSWSHPQFEKGGG
SGGGSGGGSWSHPQFEK
;
H
2 'polypeptide(L)'
;VKGMTQSPLFLPVTLGQPASISCRSSQSLVHSDGNIYLSWFQQRPGQSPRRLIYKVFDRDSGVPDRFSGSGSGTDFTLKI
SRVEAEDVAHYYCMQATHWPGTFGGGTKLTVLRTVAAPSVFLFPPSSEELQANKATLVCLISDFYPGAVTVAWKADSSPS
KAGVETTTPSKQSNNKYSLSSVLSLTPEQWKSHRSYSCQVTHEGSTVEKTFAPT
;
L
#
# COMPACT_ATOMS: atom_id res chain seq x y z
N GLN A 1 -28.63 -8.07 6.98
CA GLN A 1 -27.37 -7.66 6.38
C GLN A 1 -26.57 -6.72 7.31
N VAL A 2 -25.56 -7.30 7.94
CA VAL A 2 -24.73 -6.54 8.87
C VAL A 2 -23.87 -5.56 8.07
N GLN A 3 -23.88 -4.29 8.49
CA GLN A 3 -23.07 -3.27 7.82
C GLN A 3 -22.43 -2.36 8.86
N LEU A 4 -21.17 -2.01 8.62
CA LEU A 4 -20.47 -1.00 9.41
C LEU A 4 -19.95 0.05 8.43
N VAL A 5 -20.39 1.30 8.60
CA VAL A 5 -20.07 2.35 7.66
C VAL A 5 -19.31 3.44 8.40
N GLN A 6 -18.10 3.74 7.95
CA GLN A 6 -17.24 4.69 8.64
C GLN A 6 -17.29 6.06 7.99
N SER A 7 -16.82 7.06 8.73
CA SER A 7 -16.77 8.44 8.24
C SER A 7 -15.69 8.58 7.17
N GLY A 8 -15.67 9.75 6.52
CA GLY A 8 -14.79 9.94 5.38
C GLY A 8 -13.35 10.24 5.76
N ALA A 9 -12.50 10.28 4.71
CA ALA A 9 -11.08 10.52 4.88
C ALA A 9 -10.82 11.88 5.53
N GLU A 10 -9.75 11.95 6.32
CA GLU A 10 -9.36 13.16 7.01
C GLU A 10 -7.91 13.49 6.69
N VAL A 11 -7.62 14.77 6.45
CA VAL A 11 -6.25 15.26 6.36
C VAL A 11 -6.07 16.22 7.52
N LYS A 12 -5.09 15.95 8.37
CA LYS A 12 -4.90 16.63 9.65
C LYS A 12 -3.49 17.18 9.78
N LYS A 13 -3.38 18.30 10.52
CA LYS A 13 -2.07 18.84 10.88
C LYS A 13 -1.53 18.08 12.08
N SER A 14 -0.21 17.91 12.08
CA SER A 14 0.45 17.31 13.23
C SER A 14 0.05 18.08 14.49
N GLY A 15 -0.23 17.35 15.56
CA GLY A 15 -0.66 17.94 16.81
C GLY A 15 -2.16 18.13 16.95
N ALA A 16 -2.92 17.98 15.86
CA ALA A 16 -4.37 18.05 15.93
C ALA A 16 -4.94 16.76 16.51
N SER A 17 -6.26 16.66 16.53
CA SER A 17 -6.99 15.47 16.94
C SER A 17 -7.91 15.07 15.81
N VAL A 18 -8.32 13.81 15.80
CA VAL A 18 -9.27 13.32 14.81
C VAL A 18 -10.26 12.43 15.54
N GLN A 19 -11.52 12.45 15.07
CA GLN A 19 -12.53 11.52 15.56
C GLN A 19 -13.14 10.80 14.38
N VAL A 20 -13.04 9.48 14.39
CA VAL A 20 -13.58 8.62 13.34
C VAL A 20 -14.84 7.95 13.89
N SER A 21 -15.84 7.83 13.03
CA SER A 21 -17.09 7.20 13.44
C SER A 21 -17.31 5.92 12.64
N CYS A 22 -18.13 5.04 13.23
CA CYS A 22 -18.42 3.72 12.70
C CYS A 22 -19.90 3.44 13.01
N LYS A 23 -20.77 3.60 12.00
CA LYS A 23 -22.20 3.41 12.20
C LYS A 23 -22.60 1.99 11.81
N ALA A 24 -23.19 1.27 12.77
CA ALA A 24 -23.55 -0.13 12.59
C ALA A 24 -25.04 -0.28 12.28
N SER A 25 -25.36 -1.23 11.40
CA SER A 25 -26.75 -1.56 11.14
C SER A 25 -26.86 -3.07 10.88
N GLY A 26 -28.07 -3.59 11.06
CA GLY A 26 -28.36 -4.97 10.74
C GLY A 26 -28.23 -5.95 11.88
N TYR A 27 -28.02 -5.49 13.12
CA TYR A 27 -27.84 -6.37 14.27
C TYR A 27 -28.02 -5.55 15.54
N PRO A 28 -28.26 -6.22 16.71
CA PRO A 28 -28.41 -5.47 17.97
C PRO A 28 -27.10 -4.89 18.46
N PHE A 29 -26.97 -3.57 18.33
CA PHE A 29 -25.72 -2.88 18.64
C PHE A 29 -25.28 -3.12 20.09
N GLY A 30 -26.25 -3.16 21.01
CA GLY A 30 -25.90 -3.28 22.41
C GLY A 30 -25.49 -4.67 22.88
N ASN A 31 -25.55 -5.66 22.00
CA ASN A 31 -25.11 -7.02 22.31
C ASN A 31 -23.67 -7.27 21.87
N TYR A 32 -22.96 -6.25 21.39
CA TYR A 32 -21.63 -6.45 20.81
C TYR A 32 -20.68 -5.37 21.30
N GLY A 33 -19.43 -5.50 20.86
CA GLY A 33 -18.44 -4.46 21.01
C GLY A 33 -17.89 -4.05 19.65
N ILE A 34 -16.99 -3.08 19.68
CA ILE A 34 -16.33 -2.58 18.48
C ILE A 34 -14.84 -2.58 18.74
N THR A 35 -14.08 -3.17 17.81
CA THR A 35 -12.63 -3.15 17.86
C THR A 35 -12.11 -2.20 16.79
N TRP A 36 -11.08 -1.42 17.11
CA TRP A 36 -10.41 -0.57 16.13
C TRP A 36 -9.01 -1.12 15.87
N VAL A 37 -8.68 -1.19 14.58
CA VAL A 37 -7.44 -1.74 14.04
C VAL A 37 -6.93 -0.74 13.00
N ARG A 38 -5.63 -0.47 13.00
CA ARG A 38 -5.14 0.43 11.98
C ARG A 38 -4.08 -0.25 11.13
N GLN A 39 -3.92 0.29 9.93
CA GLN A 39 -3.04 -0.26 8.90
C GLN A 39 -2.27 0.91 8.29
N ALA A 40 -1.03 1.08 8.75
CA ALA A 40 -0.16 2.10 8.19
C ALA A 40 0.22 1.70 6.77
N PRO A 41 0.58 2.67 5.91
CA PRO A 41 0.76 2.36 4.48
C PRO A 41 1.79 1.25 4.28
N GLY A 42 1.37 0.20 3.57
CA GLY A 42 2.24 -0.93 3.29
C GLY A 42 2.49 -1.87 4.44
N GLN A 43 1.83 -1.68 5.58
CA GLN A 43 2.05 -2.51 6.75
C GLN A 43 0.84 -3.41 6.99
N GLY A 44 0.94 -4.22 8.02
CA GLY A 44 -0.11 -5.13 8.41
C GLY A 44 -1.12 -4.47 9.32
N LEU A 45 -1.80 -5.31 10.11
CA LEU A 45 -2.96 -4.91 10.90
C LEU A 45 -2.58 -4.85 12.37
N GLU A 46 -2.84 -3.70 13.00
CA GLU A 46 -2.39 -3.44 14.36
C GLU A 46 -3.59 -3.04 15.23
N TRP A 47 -3.83 -3.85 16.27
CA TRP A 47 -4.93 -3.60 17.22
C TRP A 47 -4.72 -2.27 17.93
N MET A 48 -5.75 -1.43 17.92
CA MET A 48 -5.74 -0.15 18.63
C MET A 48 -6.49 -0.24 19.94
N GLY A 49 -7.65 -0.88 19.94
CA GLY A 49 -8.37 -1.04 21.17
C GLY A 49 -9.79 -1.54 20.92
N TRP A 50 -10.58 -1.55 21.99
CA TRP A 50 -11.90 -2.18 21.97
C TRP A 50 -12.80 -1.51 22.99
N ILE A 51 -14.08 -1.40 22.63
CA ILE A 51 -15.10 -0.86 23.53
C ILE A 51 -16.33 -1.73 23.46
N SER A 52 -16.91 -2.04 24.60
CA SER A 52 -18.14 -2.83 24.63
C SER A 52 -19.34 -1.88 24.69
N ALA A 53 -20.28 -2.05 23.76
CA ALA A 53 -21.56 -1.37 23.85
C ALA A 53 -22.49 -2.02 24.87
N TYR A 54 -22.10 -3.17 25.41
CA TYR A 54 -22.86 -3.96 26.38
C TYR A 54 -22.54 -3.57 27.82
N ASN A 55 -21.27 -3.50 28.19
CA ASN A 55 -20.91 -3.15 29.56
C ASN A 55 -19.99 -1.94 29.66
N GLY A 56 -19.74 -1.23 28.56
CA GLY A 56 -18.97 0.00 28.59
C GLY A 56 -17.48 -0.14 28.84
N GLN A 57 -16.97 -1.36 28.99
CA GLN A 57 -15.55 -1.55 29.22
C GLN A 57 -14.76 -1.12 27.99
N THR A 58 -13.56 -0.60 28.22
CA THR A 58 -12.63 -0.28 27.16
C THR A 58 -11.26 -0.84 27.47
N TYR A 59 -10.53 -1.20 26.41
CA TYR A 59 -9.12 -1.58 26.52
C TYR A 59 -8.38 -0.99 25.34
N TYR A 60 -7.21 -0.42 25.60
CA TYR A 60 -6.42 0.25 24.58
C TYR A 60 -5.01 -0.33 24.52
N ALA A 61 -4.42 -0.33 23.33
CA ALA A 61 -3.04 -0.74 23.15
C ALA A 61 -2.11 0.24 23.87
N GLU A 62 -1.04 -0.30 24.46
CA GLU A 62 -0.16 0.50 25.31
C GLU A 62 0.42 1.69 24.56
N LYS A 63 0.74 1.53 23.28
CA LYS A 63 1.30 2.67 22.56
C LYS A 63 0.29 3.81 22.37
N PHE A 64 -1.01 3.57 22.58
CA PHE A 64 -2.00 4.62 22.41
C PHE A 64 -2.62 5.10 23.72
N GLN A 65 -2.35 4.43 24.84
CA GLN A 65 -2.96 4.81 26.11
C GLN A 65 -2.68 6.28 26.43
N GLY A 66 -3.74 7.01 26.77
CA GLY A 66 -3.68 8.42 27.01
C GLY A 66 -3.88 9.28 25.79
N ARG A 67 -3.75 8.70 24.58
CA ARG A 67 -3.96 9.41 23.33
C ARG A 67 -5.24 9.04 22.62
N VAL A 68 -5.82 7.87 22.90
CA VAL A 68 -7.01 7.39 22.21
C VAL A 68 -8.15 7.29 23.21
N THR A 69 -9.35 7.67 22.77
CA THR A 69 -10.58 7.45 23.53
C THR A 69 -11.63 6.86 22.60
N MET A 70 -12.22 5.74 23.00
CA MET A 70 -13.33 5.17 22.27
C MET A 70 -14.61 5.44 23.04
N THR A 71 -15.68 5.75 22.30
CA THR A 71 -16.99 5.97 22.89
C THR A 71 -18.06 5.31 22.03
N THR A 72 -19.26 5.18 22.57
CA THR A 72 -20.38 4.66 21.79
C THR A 72 -21.63 5.50 22.05
N ASP A 73 -22.56 5.36 21.12
CA ASP A 73 -23.82 6.10 21.14
C ASP A 73 -24.88 5.12 20.64
N THR A 74 -25.56 4.47 21.59
CA THR A 74 -26.46 3.39 21.21
C THR A 74 -27.72 3.91 20.54
N SER A 75 -28.13 5.15 20.85
CA SER A 75 -29.30 5.70 20.18
C SER A 75 -29.07 5.92 18.68
N THR A 76 -27.81 5.97 18.23
CA THR A 76 -27.53 6.02 16.80
C THR A 76 -26.72 4.83 16.31
N SER A 77 -26.54 3.81 17.15
CA SER A 77 -25.74 2.63 16.81
C SER A 77 -24.39 3.02 16.24
N THR A 78 -23.73 3.99 16.87
CA THR A 78 -22.47 4.48 16.31
C THR A 78 -21.36 4.42 17.34
N GLY A 79 -20.20 3.87 16.94
CA GLY A 79 -19.01 3.95 17.74
C GLY A 79 -18.07 5.03 17.24
N TYR A 80 -17.30 5.60 18.16
CA TYR A 80 -16.34 6.65 17.85
C TYR A 80 -14.96 6.29 18.39
N MET A 81 -13.94 6.71 17.66
CA MET A 81 -12.56 6.61 18.10
C MET A 81 -11.93 7.97 17.91
N GLU A 82 -11.40 8.56 18.98
CA GLU A 82 -10.70 9.83 18.91
C GLU A 82 -9.23 9.58 19.20
N LEU A 83 -8.36 10.09 18.31
CA LEU A 83 -6.91 10.02 18.49
C LEU A 83 -6.38 11.45 18.56
N ARG A 84 -5.69 11.76 19.64
CA ARG A 84 -5.21 13.11 19.90
C ARG A 84 -3.69 13.20 19.72
N SER A 85 -3.19 14.45 19.71
CA SER A 85 -1.77 14.75 19.52
C SER A 85 -1.21 13.99 18.32
N LEU A 86 -1.85 14.16 17.17
CA LEU A 86 -1.51 13.34 16.02
C LEU A 86 -0.07 13.61 15.55
N ARG A 87 0.62 12.55 15.14
CA ARG A 87 1.94 12.63 14.54
C ARG A 87 1.88 12.11 13.11
N SER A 88 2.90 12.43 12.32
CA SER A 88 2.90 12.01 10.92
C SER A 88 2.80 10.50 10.79
N ASP A 89 3.39 9.75 11.72
CA ASP A 89 3.31 8.31 11.58
C ASP A 89 2.02 7.74 12.17
N ASP A 90 1.07 8.59 12.57
CA ASP A 90 -0.30 8.14 12.73
C ASP A 90 -1.03 8.03 11.40
N THR A 91 -0.38 8.38 10.30
CA THR A 91 -1.00 8.24 8.99
C THR A 91 -1.30 6.78 8.71
N ALA A 92 -2.57 6.47 8.44
CA ALA A 92 -2.97 5.07 8.36
C ALA A 92 -4.42 4.99 7.95
N VAL A 93 -4.87 3.80 7.55
CA VAL A 93 -6.29 3.52 7.43
C VAL A 93 -6.75 2.90 8.74
N TYR A 94 -7.83 3.44 9.30
CA TYR A 94 -8.38 3.00 10.58
C TYR A 94 -9.68 2.26 10.27
N PHE A 95 -9.77 1.01 10.75
CA PHE A 95 -10.92 0.14 10.55
C PHE A 95 -11.63 -0.10 11.88
N CYS A 96 -12.95 -0.16 11.83
CA CYS A 96 -13.73 -0.72 12.92
C CYS A 96 -14.18 -2.12 12.53
N ALA A 97 -14.37 -2.97 13.54
CA ALA A 97 -14.81 -4.33 13.30
C ALA A 97 -15.73 -4.76 14.43
N ARG A 98 -16.80 -5.47 14.09
CA ARG A 98 -17.70 -6.00 15.10
C ARG A 98 -16.98 -7.02 15.97
N ASP A 99 -17.16 -6.93 17.30
CA ASP A 99 -16.42 -7.82 18.18
C ASP A 99 -17.29 -8.20 19.37
N VAL A 100 -16.69 -8.94 20.29
CA VAL A 100 -17.41 -9.53 21.42
C VAL A 100 -17.85 -8.44 22.40
N PRO A 101 -18.97 -8.65 23.10
CA PRO A 101 -19.42 -7.66 24.10
C PRO A 101 -18.71 -7.76 25.44
N VAL A 102 -18.03 -8.86 25.72
CA VAL A 102 -17.20 -9.00 26.92
C VAL A 102 -15.90 -9.66 26.49
N VAL A 103 -14.88 -9.51 27.33
CA VAL A 103 -13.60 -10.12 27.03
C VAL A 103 -13.82 -11.61 26.83
N ALA A 104 -13.42 -12.10 25.66
CA ALA A 104 -13.66 -13.46 25.21
C ALA A 104 -12.83 -13.67 23.95
N ALA A 105 -12.90 -14.88 23.38
CA ALA A 105 -12.26 -15.11 22.10
C ALA A 105 -12.84 -14.15 21.06
N VAL A 106 -11.96 -13.41 20.37
CA VAL A 106 -12.44 -12.27 19.58
C VAL A 106 -13.08 -12.75 18.27
N LEU A 107 -13.84 -11.85 17.66
CA LEU A 107 -14.68 -12.20 16.52
C LEU A 107 -14.23 -11.48 15.25
N ARG A 108 -14.45 -10.17 15.15
CA ARG A 108 -14.08 -9.39 13.96
C ARG A 108 -14.64 -10.02 12.68
N ASP A 109 -15.93 -10.35 12.70
CA ASP A 109 -16.52 -11.04 11.58
C ASP A 109 -17.05 -10.09 10.51
N TYR A 110 -17.26 -8.82 10.83
CA TYR A 110 -17.65 -7.80 9.87
C TYR A 110 -16.84 -6.56 10.14
N TRP A 111 -16.39 -5.90 9.07
CA TRP A 111 -15.50 -4.76 9.16
C TRP A 111 -16.10 -3.56 8.45
N GLY A 112 -15.80 -2.35 8.96
CA GLY A 112 -16.13 -1.14 8.23
C GLY A 112 -15.21 -1.01 7.02
N GLN A 113 -15.50 -0.03 6.16
CA GLN A 113 -14.74 0.09 4.92
C GLN A 113 -13.39 0.76 5.12
N GLY A 114 -13.10 1.27 6.31
CA GLY A 114 -11.85 1.97 6.58
C GLY A 114 -11.98 3.46 6.39
N VAL A 115 -11.18 4.20 7.17
CA VAL A 115 -11.07 5.66 7.08
C VAL A 115 -9.58 5.99 6.99
N THR A 116 -9.18 6.64 5.89
CA THR A 116 -7.81 7.11 5.76
C THR A 116 -7.62 8.39 6.55
N VAL A 117 -6.67 8.40 7.48
CA VAL A 117 -6.27 9.61 8.18
C VAL A 117 -4.83 9.91 7.78
N SER A 118 -4.63 11.07 7.14
CA SER A 118 -3.30 11.51 6.71
C SER A 118 -2.88 12.63 7.65
N SER A 119 -1.72 12.49 8.30
CA SER A 119 -1.25 13.47 9.26
C SER A 119 0.07 14.08 8.81
N SER A 120 0.13 15.42 8.78
CA SER A 120 1.31 16.08 8.24
C SER A 120 1.36 17.52 8.72
N SER A 121 2.59 18.04 8.80
CA SER A 121 2.73 19.49 8.96
C SER A 121 2.67 20.24 7.64
N ALA A 122 2.62 19.53 6.50
CA ALA A 122 2.54 20.20 5.21
C ALA A 122 1.16 20.85 5.02
N SER A 123 1.11 21.81 4.10
CA SER A 123 -0.13 22.42 3.68
C SER A 123 -0.39 22.10 2.23
N THR A 124 -1.65 22.24 1.83
CA THR A 124 -2.05 21.94 0.47
C THR A 124 -1.16 22.67 -0.53
N LYS A 125 -0.68 21.94 -1.54
CA LYS A 125 0.21 22.48 -2.56
C LYS A 125 0.08 21.64 -3.83
N GLY A 126 -0.04 22.32 -4.98
CA GLY A 126 -0.10 21.64 -6.25
C GLY A 126 1.30 21.29 -6.75
N PRO A 127 1.38 20.34 -7.67
CA PRO A 127 2.69 19.85 -8.11
C PRO A 127 3.33 20.74 -9.17
N SER A 128 4.64 20.57 -9.31
CA SER A 128 5.37 20.99 -10.50
C SER A 128 5.42 19.80 -11.44
N VAL A 129 5.33 20.06 -12.74
CA VAL A 129 5.34 18.98 -13.73
C VAL A 129 6.52 19.19 -14.66
N PHE A 130 7.41 18.21 -14.73
CA PHE A 130 8.64 18.31 -15.48
C PHE A 130 8.69 17.20 -16.53
N PRO A 131 9.25 17.46 -17.69
CA PRO A 131 9.35 16.40 -18.70
C PRO A 131 10.45 15.41 -18.39
N LEU A 132 10.19 14.15 -18.72
CA LEU A 132 11.19 13.09 -18.80
C LEU A 132 11.33 12.79 -20.30
N ALA A 133 12.25 13.50 -20.95
CA ALA A 133 12.31 13.51 -22.41
C ALA A 133 12.93 12.23 -22.95
N PRO A 134 12.44 11.71 -24.09
CA PRO A 134 13.05 10.52 -24.71
C PRO A 134 14.41 10.84 -25.30
N GLY A 135 13.44 1.06 -32.57
CA GLY A 135 13.01 0.24 -31.45
C GLY A 135 11.96 0.91 -30.59
N THR A 136 12.14 0.83 -29.28
CA THR A 136 11.20 1.37 -28.30
C THR A 136 11.89 2.48 -27.52
N ALA A 137 11.16 3.58 -27.30
CA ALA A 137 11.64 4.69 -26.49
C ALA A 137 10.73 4.85 -25.28
N ALA A 138 11.29 5.40 -24.21
CA ALA A 138 10.53 5.72 -23.00
C ALA A 138 10.52 7.23 -22.80
N LEU A 139 9.37 7.76 -22.41
CA LEU A 139 9.24 9.15 -22.02
C LEU A 139 8.29 9.23 -20.84
N GLY A 140 8.17 10.41 -20.24
CA GLY A 140 7.27 10.53 -19.13
C GLY A 140 7.20 11.94 -18.59
N CYS A 141 6.56 12.06 -17.43
CA CYS A 141 6.42 13.30 -16.69
C CYS A 141 6.72 13.02 -15.22
N LEU A 142 7.49 13.91 -14.62
CA LEU A 142 7.77 13.89 -13.20
C LEU A 142 6.85 14.90 -12.52
N VAL A 143 6.04 14.43 -11.59
CA VAL A 143 5.01 15.22 -10.93
C VAL A 143 5.48 15.37 -9.49
N LYS A 144 6.06 16.53 -9.15
CA LYS A 144 6.85 16.67 -7.93
C LYS A 144 6.25 17.70 -6.97
N ASP A 145 6.43 17.42 -5.66
CA ASP A 145 6.20 18.41 -4.59
C ASP A 145 4.73 18.84 -4.47
N TYR A 146 3.84 17.87 -4.24
CA TYR A 146 2.43 18.21 -4.00
C TYR A 146 1.97 17.61 -2.66
N PHE A 147 0.83 18.12 -2.17
CA PHE A 147 0.23 17.63 -0.94
C PHE A 147 -1.22 18.08 -0.90
N PRO A 148 -2.16 17.22 -0.51
CA PRO A 148 -2.01 15.80 -0.15
C PRO A 148 -2.22 14.95 -1.37
N GLU A 149 -2.20 13.63 -1.22
CA GLU A 149 -2.60 12.76 -2.31
C GLU A 149 -4.10 12.93 -2.59
N PRO A 150 -4.56 12.60 -3.80
CA PRO A 150 -3.84 12.05 -4.96
C PRO A 150 -3.70 13.03 -6.12
N VAL A 151 -2.83 12.73 -7.08
CA VAL A 151 -2.90 13.36 -8.39
C VAL A 151 -3.36 12.29 -9.38
N THR A 152 -3.92 12.74 -10.49
CA THR A 152 -4.23 11.83 -11.58
C THR A 152 -3.43 12.25 -12.79
N VAL A 153 -2.99 11.26 -13.56
CA VAL A 153 -2.22 11.47 -14.78
C VAL A 153 -2.89 10.70 -15.90
N SER A 154 -3.14 11.37 -17.02
CA SER A 154 -3.51 10.70 -18.26
C SER A 154 -2.53 11.13 -19.33
N TRP A 155 -2.56 10.43 -20.47
CA TRP A 155 -1.70 10.78 -21.59
C TRP A 155 -2.58 11.04 -22.81
N ASN A 156 -2.32 12.17 -23.48
CA ASN A 156 -3.08 12.59 -24.66
C ASN A 156 -4.60 12.54 -24.39
N SER A 157 -5.00 13.06 -23.23
CA SER A 157 -6.40 13.13 -22.79
C SER A 157 -7.10 11.77 -22.80
N GLY A 158 -6.36 10.71 -22.50
CA GLY A 158 -6.93 9.37 -22.44
C GLY A 158 -6.75 8.54 -23.69
N ALA A 159 -6.32 9.15 -24.80
CA ALA A 159 -6.14 8.38 -26.04
C ALA A 159 -4.96 7.42 -25.95
N LEU A 160 -3.99 7.68 -25.08
CA LEU A 160 -2.80 6.84 -24.91
C LEU A 160 -2.88 6.17 -23.55
N THR A 161 -3.09 4.85 -23.56
CA THR A 161 -3.19 4.08 -22.32
C THR A 161 -2.25 2.90 -22.33
N SER A 162 -2.02 2.31 -23.51
CA SER A 162 -1.17 1.14 -23.60
C SER A 162 0.28 1.50 -23.29
N GLY A 163 0.91 0.71 -22.43
CA GLY A 163 2.30 0.93 -22.07
C GLY A 163 2.53 2.03 -21.05
N VAL A 164 1.48 2.61 -20.48
CA VAL A 164 1.61 3.66 -19.47
C VAL A 164 1.83 3.00 -18.11
N HIS A 165 2.82 3.50 -17.36
CA HIS A 165 2.99 3.14 -15.95
C HIS A 165 3.01 4.43 -15.14
N THR A 166 1.97 4.68 -14.35
CA THR A 166 1.96 5.79 -13.41
C THR A 166 2.28 5.21 -12.04
N PHE A 167 3.45 5.55 -11.51
CA PHE A 167 3.94 4.91 -10.29
C PHE A 167 3.22 5.43 -9.05
N PRO A 168 3.13 4.61 -8.00
CA PRO A 168 2.66 5.12 -6.70
C PRO A 168 3.54 6.26 -6.22
N ALA A 169 2.90 7.25 -5.62
CA ALA A 169 3.65 8.37 -5.08
C ALA A 169 4.57 7.93 -3.93
N VAL A 170 5.68 8.63 -3.77
CA VAL A 170 6.54 8.46 -2.61
C VAL A 170 6.45 9.72 -1.77
N LEU A 171 6.61 9.55 -0.47
CA LEU A 171 6.65 10.67 0.46
C LEU A 171 8.11 11.13 0.62
N GLN A 172 8.39 12.38 0.23
CA GLN A 172 9.74 12.89 0.36
C GLN A 172 10.00 13.41 1.77
N SER A 173 11.29 13.55 2.10
CA SER A 173 11.64 14.00 3.45
C SER A 173 11.12 15.41 3.72
N SER A 174 10.82 16.18 2.68
CA SER A 174 10.17 17.47 2.80
C SER A 174 8.72 17.37 3.28
N GLY A 175 8.11 16.20 3.23
CA GLY A 175 6.70 16.07 3.52
C GLY A 175 5.79 16.22 2.33
N LEU A 176 6.34 16.43 1.14
CA LEU A 176 5.56 16.54 -0.09
C LEU A 176 5.72 15.24 -0.89
N TYR A 177 4.68 14.91 -1.65
CA TYR A 177 4.68 13.71 -2.47
C TYR A 177 5.31 13.98 -3.83
N SER A 178 5.74 12.90 -4.48
CA SER A 178 6.26 13.00 -5.84
C SER A 178 6.01 11.66 -6.52
N LEU A 179 5.67 11.71 -7.81
CA LEU A 179 5.57 10.48 -8.60
C LEU A 179 6.05 10.76 -10.02
N SER A 180 6.27 9.69 -10.77
CA SER A 180 6.53 9.76 -12.20
C SER A 180 5.46 8.96 -12.92
N SER A 181 5.10 9.40 -14.12
CA SER A 181 4.29 8.60 -15.03
C SER A 181 5.07 8.46 -16.34
N VAL A 182 5.24 7.22 -16.81
CA VAL A 182 6.07 6.96 -17.98
C VAL A 182 5.24 6.18 -19.00
N VAL A 183 5.71 6.18 -20.24
CA VAL A 183 5.11 5.38 -21.30
C VAL A 183 6.20 4.99 -22.29
N THR A 184 6.11 3.77 -22.81
CA THR A 184 7.01 3.32 -23.87
C THR A 184 6.24 3.39 -25.19
N VAL A 185 6.90 3.94 -26.20
CA VAL A 185 6.30 4.20 -27.51
C VAL A 185 7.29 3.74 -28.59
N PRO A 186 6.82 3.51 -29.81
CA PRO A 186 7.77 3.27 -30.91
C PRO A 186 8.66 4.49 -31.09
N SER A 187 9.96 4.23 -31.28
CA SER A 187 10.90 5.32 -31.54
C SER A 187 10.49 6.11 -32.77
N SER A 188 9.99 5.44 -33.80
CA SER A 188 9.60 6.09 -35.05
C SER A 188 8.49 7.12 -34.84
N SER A 189 7.68 6.97 -33.79
CA SER A 189 6.61 7.92 -33.51
C SER A 189 7.10 9.21 -32.88
N LEU A 190 8.38 9.29 -32.49
CA LEU A 190 8.85 10.46 -31.77
C LEU A 190 8.74 11.72 -32.63
N GLY A 191 9.00 11.60 -33.93
CA GLY A 191 8.91 12.76 -34.79
C GLY A 191 7.51 13.12 -35.23
N THR A 192 6.60 12.15 -35.28
CA THR A 192 5.27 12.36 -35.82
C THR A 192 4.19 12.51 -34.77
N GLN A 193 4.31 11.84 -33.64
CA GLN A 193 3.24 11.81 -32.64
C GLN A 193 3.57 12.74 -31.46
N THR A 194 2.59 13.53 -31.05
CA THR A 194 2.74 14.43 -29.92
C THR A 194 2.32 13.71 -28.64
N TYR A 195 3.12 13.87 -27.59
CA TYR A 195 2.83 13.22 -26.30
C TYR A 195 2.68 14.29 -25.23
N ILE A 196 1.51 14.30 -24.59
CA ILE A 196 1.17 15.28 -23.56
C ILE A 196 0.67 14.54 -22.33
N CYS A 197 1.22 14.86 -21.17
CA CYS A 197 0.69 14.32 -19.92
C CYS A 197 -0.23 15.34 -19.28
N ASN A 198 -1.43 14.90 -18.93
CA ASN A 198 -2.45 15.72 -18.30
C ASN A 198 -2.48 15.37 -16.81
N VAL A 199 -2.09 16.33 -15.98
CA VAL A 199 -1.95 16.16 -14.53
C VAL A 199 -3.02 16.97 -13.84
N ASN A 200 -3.67 16.35 -12.85
CA ASN A 200 -4.76 16.97 -12.13
C ASN A 200 -4.56 16.73 -10.64
N HIS A 201 -4.57 17.80 -9.85
CA HIS A 201 -4.50 17.73 -8.40
C HIS A 201 -5.70 18.51 -7.87
N LYS A 202 -6.77 17.77 -7.55
CA LYS A 202 -8.00 18.42 -7.08
C LYS A 202 -7.83 19.23 -5.80
N PRO A 203 -7.11 18.78 -4.76
CA PRO A 203 -7.08 19.57 -3.51
C PRO A 203 -6.58 20.99 -3.68
N SER A 204 -5.70 21.25 -4.64
CA SER A 204 -5.20 22.59 -4.91
C SER A 204 -5.81 23.22 -6.15
N ASN A 205 -6.74 22.53 -6.81
CA ASN A 205 -7.27 22.95 -8.11
C ASN A 205 -6.16 23.22 -9.11
N THR A 206 -5.25 22.27 -9.26
CA THR A 206 -4.15 22.41 -10.21
C THR A 206 -4.41 21.50 -11.39
N LYS A 207 -4.38 22.08 -12.58
CA LYS A 207 -4.50 21.34 -13.83
C LYS A 207 -3.34 21.77 -14.71
N VAL A 208 -2.47 20.82 -15.09
CA VAL A 208 -1.30 21.12 -15.89
C VAL A 208 -1.27 20.14 -17.05
N ASP A 209 -1.12 20.64 -18.28
CA ASP A 209 -0.86 19.81 -19.45
C ASP A 209 0.55 20.07 -19.91
N LYS A 210 1.38 19.02 -19.98
CA LYS A 210 2.80 19.16 -20.26
C LYS A 210 3.16 18.35 -21.49
N ARG A 211 3.62 19.03 -22.52
CA ARG A 211 4.05 18.36 -23.72
C ARG A 211 5.47 17.84 -23.51
N VAL A 212 5.72 16.59 -23.91
CA VAL A 212 7.01 15.96 -23.70
C VAL A 212 7.61 15.70 -25.08
N GLU A 213 8.65 16.46 -25.43
CA GLU A 213 9.28 16.35 -26.73
C GLU A 213 10.74 15.94 -26.59
N PRO A 214 11.33 15.39 -27.65
CA PRO A 214 12.79 15.21 -27.68
C PRO A 214 13.50 16.56 -27.58
N VAL B 1 0.86 -11.48 24.07
CA VAL B 1 2.28 -11.38 23.77
C VAL B 1 2.61 -12.55 22.82
N LYS B 2 1.62 -12.92 22.01
CA LYS B 2 1.81 -14.01 21.06
C LYS B 2 2.34 -13.43 19.75
N GLY B 3 3.17 -14.22 19.08
CA GLY B 3 3.68 -13.85 17.77
C GLY B 3 3.19 -14.85 16.75
N MET B 4 2.58 -14.36 15.66
CA MET B 4 2.03 -15.18 14.59
C MET B 4 2.90 -15.03 13.36
N THR B 5 3.45 -16.14 12.87
CA THR B 5 4.38 -16.16 11.74
C THR B 5 3.72 -16.81 10.53
N GLN B 6 3.52 -16.04 9.46
CA GLN B 6 2.98 -16.55 8.21
C GLN B 6 4.10 -16.88 7.23
N SER B 7 3.84 -17.88 6.38
CA SER B 7 4.85 -18.29 5.42
C SER B 7 4.20 -18.87 4.16
N PRO B 8 4.67 -18.47 2.97
CA PRO B 8 5.63 -17.40 2.68
C PRO B 8 4.96 -16.05 2.80
N LEU B 9 5.72 -14.96 2.88
CA LEU B 9 5.12 -13.64 2.84
C LEU B 9 4.75 -13.21 1.43
N PHE B 10 5.33 -13.84 0.42
CA PHE B 10 5.05 -13.53 -0.98
C PHE B 10 4.83 -14.84 -1.69
N LEU B 11 3.64 -15.04 -2.26
CA LEU B 11 3.24 -16.34 -2.79
C LEU B 11 2.88 -16.26 -4.26
N PRO B 12 3.78 -16.62 -5.16
CA PRO B 12 3.41 -16.73 -6.57
C PRO B 12 2.55 -17.97 -6.79
N VAL B 13 1.44 -17.79 -7.53
CA VAL B 13 0.48 -18.86 -7.80
C VAL B 13 0.29 -18.98 -9.30
N THR B 14 -0.23 -20.13 -9.72
CA THR B 14 -0.64 -20.36 -11.10
C THR B 14 -2.14 -20.60 -11.12
N LEU B 15 -2.85 -19.90 -12.00
CA LEU B 15 -4.29 -20.07 -12.06
C LEU B 15 -4.62 -21.53 -12.34
N GLY B 16 -5.63 -22.04 -11.63
CA GLY B 16 -6.06 -23.42 -11.76
C GLY B 16 -5.25 -24.41 -10.96
N GLN B 17 -4.20 -23.98 -10.29
CA GLN B 17 -3.34 -24.81 -9.47
C GLN B 17 -3.61 -24.54 -7.99
N PRO B 18 -3.27 -25.47 -7.10
CA PRO B 18 -3.48 -25.23 -5.68
C PRO B 18 -2.44 -24.29 -5.10
N ALA B 19 -2.81 -23.64 -4.00
CA ALA B 19 -1.88 -22.82 -3.24
C ALA B 19 -2.15 -23.03 -1.76
N SER B 20 -1.13 -22.76 -0.94
CA SER B 20 -1.32 -22.89 0.50
C SER B 20 -0.42 -21.90 1.22
N ILE B 21 -0.91 -21.42 2.36
CA ILE B 21 -0.24 -20.47 3.22
C ILE B 21 -0.21 -21.06 4.62
N SER B 22 0.94 -20.97 5.28
CA SER B 22 1.11 -21.51 6.62
C SER B 22 1.09 -20.40 7.66
N CYS B 23 0.61 -20.73 8.85
CA CYS B 23 0.53 -19.79 9.95
C CYS B 23 0.95 -20.53 11.20
N ARG B 24 1.93 -20.01 11.93
CA ARG B 24 2.41 -20.64 13.15
C ARG B 24 2.27 -19.69 14.32
N SER B 25 1.80 -20.21 15.45
CA SER B 25 1.64 -19.43 16.67
C SER B 25 2.75 -19.74 17.66
N SER B 26 3.23 -18.70 18.36
CA SER B 26 4.24 -18.90 19.40
C SER B 26 3.69 -19.56 20.65
N GLN B 27 2.36 -19.65 20.80
CA GLN B 27 1.73 -20.29 21.95
C GLN B 27 0.60 -21.19 21.48
N SER B 28 0.29 -22.19 22.31
CA SER B 28 -0.89 -23.01 22.07
C SER B 28 -2.12 -22.13 21.93
N LEU B 29 -2.97 -22.43 20.92
CA LEU B 29 -4.21 -21.70 20.72
C LEU B 29 -5.44 -22.46 21.20
N VAL B 30 -5.25 -23.55 21.95
CA VAL B 30 -6.40 -24.25 22.50
C VAL B 30 -7.01 -23.41 23.61
N HIS B 31 -8.30 -23.12 23.50
CA HIS B 31 -9.05 -22.40 24.51
C HIS B 31 -9.59 -23.37 25.55
N SER B 32 -9.83 -22.86 26.76
CA SER B 32 -10.32 -23.74 27.82
C SER B 32 -11.67 -24.35 27.50
N ASP B 33 -12.44 -23.77 26.57
CA ASP B 33 -13.70 -24.41 26.17
C ASP B 33 -13.47 -25.54 25.18
N GLY B 34 -12.23 -25.84 24.85
CA GLY B 34 -11.89 -26.94 23.96
C GLY B 34 -11.75 -26.58 22.50
N ASN B 35 -12.12 -25.36 22.10
CA ASN B 35 -11.97 -24.97 20.70
C ASN B 35 -10.63 -24.26 20.49
N ILE B 36 -10.21 -24.21 19.23
CA ILE B 36 -9.10 -23.36 18.77
C ILE B 36 -9.73 -22.26 17.94
N TYR B 37 -9.51 -21.00 18.35
CA TYR B 37 -10.07 -19.86 17.63
C TYR B 37 -8.95 -19.27 16.77
N LEU B 38 -8.88 -19.76 15.54
CA LEU B 38 -7.93 -19.28 14.55
C LEU B 38 -8.70 -18.93 13.28
N SER B 39 -8.55 -17.69 12.81
CA SER B 39 -9.33 -17.20 11.69
C SER B 39 -8.40 -16.79 10.55
N TRP B 40 -8.97 -16.76 9.35
CA TRP B 40 -8.24 -16.30 8.16
C TRP B 40 -9.05 -15.21 7.49
N PHE B 41 -8.34 -14.19 6.99
CA PHE B 41 -8.92 -13.02 6.33
C PHE B 41 -8.29 -12.81 4.98
N GLN B 42 -9.09 -12.31 4.02
CA GLN B 42 -8.61 -11.81 2.74
C GLN B 42 -8.71 -10.30 2.73
N GLN B 43 -7.74 -9.63 2.13
CA GLN B 43 -7.81 -8.18 1.93
C GLN B 43 -7.37 -7.82 0.51
N ARG B 44 -8.27 -7.22 -0.24
CA ARG B 44 -7.94 -6.65 -1.54
C ARG B 44 -7.49 -5.20 -1.38
N PRO B 45 -6.70 -4.69 -2.32
CA PRO B 45 -6.24 -3.30 -2.22
C PRO B 45 -7.40 -2.33 -2.10
N GLY B 46 -7.24 -1.35 -1.22
CA GLY B 46 -8.26 -0.35 -0.99
C GLY B 46 -9.47 -0.84 -0.22
N GLN B 47 -9.50 -2.11 0.17
CA GLN B 47 -10.65 -2.68 0.85
C GLN B 47 -10.28 -3.07 2.28
N SER B 48 -11.30 -3.35 3.07
CA SER B 48 -11.10 -3.86 4.40
C SER B 48 -10.91 -5.37 4.38
N PRO B 49 -10.32 -5.94 5.44
CA PRO B 49 -10.27 -7.40 5.56
C PRO B 49 -11.67 -8.00 5.56
N ARG B 50 -11.76 -9.19 5.01
CA ARG B 50 -12.99 -9.97 4.95
C ARG B 50 -12.70 -11.36 5.51
N ARG B 51 -13.50 -11.80 6.46
CA ARG B 51 -13.23 -13.08 7.09
C ARG B 51 -13.57 -14.24 6.15
N LEU B 52 -12.60 -15.13 5.95
CA LEU B 52 -12.81 -16.34 5.17
C LEU B 52 -13.09 -17.55 6.05
N ILE B 53 -12.34 -17.69 7.13
CA ILE B 53 -12.35 -18.92 7.93
C ILE B 53 -12.38 -18.54 9.39
N TYR B 54 -13.11 -19.29 10.21
CA TYR B 54 -13.07 -19.12 11.66
C TYR B 54 -13.01 -20.50 12.33
N LYS B 55 -12.50 -20.51 13.55
CA LYS B 55 -12.32 -21.75 14.33
C LYS B 55 -11.64 -22.85 13.50
N VAL B 56 -10.54 -22.46 12.86
CA VAL B 56 -9.63 -23.32 12.09
C VAL B 56 -10.24 -23.80 10.78
N PHE B 57 -11.46 -24.37 10.84
CA PHE B 57 -12.04 -25.15 9.73
C PHE B 57 -13.27 -24.52 9.08
N ASP B 58 -14.00 -23.66 9.79
CA ASP B 58 -15.35 -23.29 9.33
C ASP B 58 -15.28 -22.14 8.34
N ARG B 59 -16.05 -22.24 7.25
CA ARG B 59 -16.06 -21.21 6.22
C ARG B 59 -17.13 -20.16 6.49
N ASP B 60 -16.77 -18.91 6.31
CA ASP B 60 -17.73 -17.84 6.52
C ASP B 60 -18.62 -17.68 5.30
N SER B 61 -19.66 -16.84 5.44
CA SER B 61 -20.64 -16.67 4.37
C SER B 61 -19.99 -16.09 3.13
N GLY B 62 -20.43 -16.55 1.96
CA GLY B 62 -19.96 -16.01 0.71
C GLY B 62 -18.56 -16.43 0.32
N VAL B 63 -17.97 -17.38 1.03
CA VAL B 63 -16.61 -17.83 0.76
C VAL B 63 -16.69 -19.13 -0.06
N PRO B 64 -16.15 -19.14 -1.27
CA PRO B 64 -16.26 -20.35 -2.12
C PRO B 64 -15.58 -21.55 -1.49
N ASP B 65 -16.11 -22.74 -1.79
CA ASP B 65 -15.59 -23.91 -1.10
C ASP B 65 -14.19 -24.30 -1.55
N ARG B 66 -13.61 -23.59 -2.53
CA ARG B 66 -12.21 -23.84 -2.87
C ARG B 66 -11.27 -23.42 -1.75
N PHE B 67 -11.73 -22.58 -0.81
CA PHE B 67 -10.95 -22.22 0.38
C PHE B 67 -11.21 -23.22 1.50
N SER B 68 -10.14 -23.67 2.15
CA SER B 68 -10.31 -24.51 3.31
C SER B 68 -9.21 -24.23 4.33
N GLY B 69 -9.51 -24.48 5.59
CA GLY B 69 -8.55 -24.26 6.67
C GLY B 69 -8.28 -25.56 7.40
N SER B 70 -7.05 -25.73 7.85
CA SER B 70 -6.67 -26.90 8.61
C SER B 70 -5.67 -26.51 9.69
N GLY B 71 -5.45 -27.42 10.62
CA GLY B 71 -4.34 -27.24 11.53
C GLY B 71 -4.65 -27.67 12.95
N SER B 72 -3.60 -27.67 13.78
CA SER B 72 -3.78 -27.99 15.18
C SER B 72 -2.59 -27.47 15.95
N GLY B 73 -2.76 -27.42 17.27
CA GLY B 73 -1.68 -26.96 18.13
C GLY B 73 -1.26 -25.56 17.76
N THR B 74 -0.11 -25.43 17.12
CA THR B 74 0.40 -24.12 16.78
C THR B 74 0.63 -23.94 15.28
N ASP B 75 0.22 -24.91 14.45
CA ASP B 75 0.50 -24.87 13.02
C ASP B 75 -0.80 -25.01 12.23
N PHE B 76 -1.05 -24.04 11.33
CA PHE B 76 -2.31 -23.91 10.63
C PHE B 76 -2.03 -23.61 9.18
N THR B 77 -2.99 -23.95 8.33
CA THR B 77 -2.82 -23.81 6.90
C THR B 77 -4.11 -23.35 6.26
N LEU B 78 -4.00 -22.34 5.39
CA LEU B 78 -5.06 -21.96 4.47
C LEU B 78 -4.74 -22.53 3.10
N LYS B 79 -5.69 -23.26 2.52
CA LYS B 79 -5.51 -23.92 1.24
C LYS B 79 -6.54 -23.40 0.24
N ILE B 80 -6.08 -23.15 -0.98
CA ILE B 80 -6.96 -22.87 -2.11
C ILE B 80 -6.75 -24.02 -3.09
N SER B 81 -7.82 -24.75 -3.40
CA SER B 81 -7.67 -25.98 -4.17
C SER B 81 -7.29 -25.68 -5.62
N ARG B 82 -7.99 -24.74 -6.25
CA ARG B 82 -7.68 -24.27 -7.61
C ARG B 82 -7.74 -22.75 -7.59
N VAL B 83 -6.59 -22.10 -7.73
CA VAL B 83 -6.54 -20.64 -7.66
C VAL B 83 -7.27 -20.03 -8.85
N GLU B 84 -8.13 -19.06 -8.59
CA GLU B 84 -8.74 -18.24 -9.62
C GLU B 84 -8.18 -16.83 -9.55
N ALA B 85 -8.50 -16.03 -10.58
CA ALA B 85 -7.92 -14.70 -10.69
C ALA B 85 -8.31 -13.82 -9.50
N GLU B 86 -9.56 -13.93 -9.04
CA GLU B 86 -10.05 -13.10 -7.93
C GLU B 86 -9.38 -13.43 -6.61
N ASP B 87 -8.63 -14.52 -6.53
CA ASP B 87 -7.92 -14.88 -5.30
C ASP B 87 -6.59 -14.16 -5.14
N VAL B 88 -6.13 -13.43 -6.15
CA VAL B 88 -4.91 -12.64 -6.00
C VAL B 88 -5.23 -11.46 -5.08
N ALA B 89 -4.65 -11.48 -3.88
CA ALA B 89 -5.04 -10.60 -2.77
C ALA B 89 -4.02 -10.80 -1.66
N HIS B 90 -4.21 -10.08 -0.56
CA HIS B 90 -3.45 -10.35 0.66
C HIS B 90 -4.25 -11.29 1.56
N TYR B 91 -3.55 -12.11 2.35
CA TYR B 91 -4.22 -13.00 3.30
C TYR B 91 -3.55 -12.87 4.66
N TYR B 92 -4.36 -12.82 5.71
CA TYR B 92 -3.87 -12.73 7.09
C TYR B 92 -4.44 -13.86 7.93
N CYS B 93 -3.61 -14.47 8.75
CA CYS B 93 -4.20 -15.27 9.81
C CYS B 93 -4.37 -14.41 11.06
N MET B 94 -5.24 -14.86 11.97
CA MET B 94 -5.43 -14.14 13.21
C MET B 94 -5.83 -15.12 14.29
N GLN B 95 -5.02 -15.23 15.34
CA GLN B 95 -5.45 -16.02 16.49
C GLN B 95 -6.45 -15.20 17.28
N ALA B 96 -7.53 -15.84 17.71
CA ALA B 96 -8.56 -15.18 18.49
C ALA B 96 -8.67 -15.74 19.90
N THR B 97 -7.96 -16.82 20.20
CA THR B 97 -8.08 -17.49 21.49
C THR B 97 -7.65 -16.59 22.65
N HIS B 98 -6.54 -15.86 22.47
CA HIS B 98 -5.92 -15.09 23.53
C HIS B 98 -6.17 -13.60 23.32
N TRP B 99 -6.77 -12.96 24.31
CA TRP B 99 -7.12 -11.55 24.20
C TRP B 99 -5.86 -10.70 24.01
N PRO B 100 -5.90 -9.68 23.13
CA PRO B 100 -7.00 -9.23 22.27
C PRO B 100 -6.83 -9.70 20.83
N GLY B 101 -6.36 -10.92 20.59
CA GLY B 101 -6.09 -11.37 19.25
C GLY B 101 -4.72 -10.93 18.73
N THR B 102 -4.24 -11.64 17.72
CA THR B 102 -2.99 -11.28 17.04
C THR B 102 -3.10 -11.63 15.58
N PHE B 103 -2.65 -10.73 14.70
CA PHE B 103 -2.59 -11.02 13.27
C PHE B 103 -1.19 -11.46 12.85
N GLY B 104 -1.14 -12.36 11.86
CA GLY B 104 0.09 -12.60 11.14
C GLY B 104 0.50 -11.39 10.31
N GLY B 105 1.69 -11.46 9.73
CA GLY B 105 2.16 -10.28 9.02
C GLY B 105 1.55 -10.06 7.66
N GLY B 106 0.86 -11.05 7.12
CA GLY B 106 0.22 -10.92 5.82
C GLY B 106 0.99 -11.62 4.73
N THR B 107 0.28 -12.25 3.81
CA THR B 107 0.87 -12.91 2.64
C THR B 107 0.29 -12.29 1.39
N LYS B 108 1.17 -11.87 0.47
CA LYS B 108 0.75 -11.30 -0.80
C LYS B 108 0.84 -12.37 -1.87
N LEU B 109 -0.28 -12.63 -2.54
CA LEU B 109 -0.37 -13.54 -3.66
C LEU B 109 -0.23 -12.81 -4.99
N THR B 110 0.61 -13.37 -5.84
CA THR B 110 0.94 -12.79 -7.12
C THR B 110 0.88 -13.91 -8.14
N VAL B 111 0.83 -13.56 -9.42
CA VAL B 111 0.76 -14.55 -10.49
C VAL B 111 2.18 -14.90 -10.93
N LEU B 112 2.48 -16.19 -10.94
CA LEU B 112 3.78 -16.66 -11.43
C LEU B 112 3.87 -16.56 -12.95
N ARG B 113 5.05 -16.21 -13.45
CA ARG B 113 5.32 -16.20 -14.89
C ARG B 113 6.82 -16.40 -15.12
N THR B 114 7.23 -16.44 -16.39
CA THR B 114 8.62 -16.67 -16.72
C THR B 114 9.46 -15.42 -16.40
N VAL B 115 10.75 -15.65 -16.17
CA VAL B 115 11.66 -14.54 -15.91
C VAL B 115 11.68 -13.60 -17.11
N ALA B 116 11.61 -12.29 -16.83
CA ALA B 116 11.71 -11.27 -17.87
C ALA B 116 12.67 -10.20 -17.38
N ALA B 117 13.72 -9.95 -18.15
CA ALA B 117 14.67 -8.90 -17.80
C ALA B 117 14.03 -7.53 -18.01
N PRO B 118 14.43 -6.55 -17.22
CA PRO B 118 13.90 -5.20 -17.43
C PRO B 118 14.51 -4.53 -18.64
N SER B 119 13.73 -3.64 -19.26
CA SER B 119 14.30 -2.61 -20.12
C SER B 119 14.64 -1.42 -19.24
N VAL B 120 15.85 -0.87 -19.36
CA VAL B 120 16.33 0.17 -18.46
C VAL B 120 16.49 1.48 -19.23
N PHE B 121 16.02 2.58 -18.64
CA PHE B 121 16.15 3.93 -19.20
C PHE B 121 16.60 4.92 -18.12
N LEU B 122 17.44 5.88 -18.49
CA LEU B 122 17.85 6.93 -17.57
C LEU B 122 17.41 8.28 -18.13
N PHE B 123 16.92 9.15 -17.25
CA PHE B 123 16.45 10.48 -17.61
C PHE B 123 17.19 11.55 -16.82
N PRO B 124 17.90 12.45 -17.49
CA PRO B 124 18.51 13.59 -16.82
C PRO B 124 17.46 14.56 -16.32
N PRO B 125 17.82 15.42 -15.36
CA PRO B 125 16.89 16.47 -14.92
C PRO B 125 16.59 17.41 -16.08
N SER B 126 15.36 17.92 -16.12
CA SER B 126 14.95 18.88 -17.13
C SER B 126 15.53 20.26 -16.83
N SER B 127 15.68 21.08 -17.89
CA SER B 127 16.11 22.46 -17.70
C SER B 127 15.11 23.23 -16.84
N GLU B 128 13.81 22.94 -17.04
CA GLU B 128 12.76 23.56 -16.23
C GLU B 128 12.98 23.30 -14.74
N GLU B 129 13.27 22.04 -14.37
CA GLU B 129 13.53 21.77 -12.96
C GLU B 129 14.83 22.42 -12.49
N LEU B 130 15.86 22.44 -13.34
CA LEU B 130 17.14 22.97 -12.88
C LEU B 130 17.03 24.43 -12.51
N GLN B 131 16.10 25.17 -13.14
CA GLN B 131 15.86 26.53 -12.65
C GLN B 131 15.44 26.55 -11.17
N ALA B 132 14.79 25.47 -10.70
CA ALA B 132 14.18 25.41 -9.37
C ALA B 132 15.18 25.19 -8.26
N ASN B 133 16.45 24.98 -8.60
CA ASN B 133 17.50 24.78 -7.62
C ASN B 133 17.40 23.41 -6.94
N LYS B 134 16.92 22.39 -7.66
CA LYS B 134 17.08 20.98 -7.33
C LYS B 134 17.05 20.18 -8.63
N ALA B 135 17.67 18.98 -8.60
CA ALA B 135 17.80 18.12 -9.76
C ALA B 135 17.34 16.71 -9.41
N THR B 136 16.45 16.15 -10.22
CA THR B 136 16.00 14.78 -10.09
C THR B 136 16.45 13.99 -11.31
N LEU B 137 17.08 12.84 -11.06
CA LEU B 137 17.49 11.93 -12.12
C LEU B 137 16.69 10.65 -11.95
N VAL B 138 16.08 10.18 -13.03
CA VAL B 138 15.15 9.06 -12.91
C VAL B 138 15.70 7.87 -13.67
N CYS B 139 15.70 6.71 -13.03
CA CYS B 139 16.03 5.44 -13.66
C CYS B 139 14.76 4.59 -13.70
N LEU B 140 14.41 4.12 -14.88
CA LEU B 140 13.19 3.34 -15.11
C LEU B 140 13.57 1.92 -15.49
N ILE B 141 12.96 0.97 -14.79
CA ILE B 141 13.14 -0.45 -15.02
C ILE B 141 11.77 -0.94 -15.48
N SER B 142 11.61 -1.28 -16.75
CA SER B 142 10.29 -1.50 -17.35
C SER B 142 10.04 -2.98 -17.59
N ASP B 143 8.88 -3.46 -17.12
CA ASP B 143 8.25 -4.73 -17.51
C ASP B 143 9.18 -5.93 -17.24
N PHE B 144 9.44 -6.17 -15.95
CA PHE B 144 10.35 -7.25 -15.55
C PHE B 144 9.67 -8.21 -14.59
N TYR B 145 10.26 -9.41 -14.44
CA TYR B 145 9.76 -10.40 -13.51
C TYR B 145 10.92 -11.32 -13.16
N PRO B 146 11.09 -11.70 -11.88
CA PRO B 146 10.25 -11.39 -10.72
C PRO B 146 10.47 -9.98 -10.19
N GLY B 147 9.75 -9.63 -9.12
CA GLY B 147 9.77 -8.27 -8.62
C GLY B 147 11.09 -7.82 -8.04
N ALA B 148 11.89 -8.75 -7.52
CA ALA B 148 13.14 -8.36 -6.86
C ALA B 148 14.12 -7.77 -7.86
N VAL B 149 14.71 -6.63 -7.51
CA VAL B 149 15.69 -5.96 -8.36
C VAL B 149 16.49 -4.99 -7.50
N THR B 150 17.74 -4.76 -7.89
CA THR B 150 18.67 -3.89 -7.18
C THR B 150 19.06 -2.75 -8.11
N VAL B 151 18.98 -1.51 -7.62
CA VAL B 151 19.36 -0.33 -8.40
C VAL B 151 20.36 0.46 -7.58
N ALA B 152 21.55 0.67 -8.13
CA ALA B 152 22.58 1.46 -7.47
C ALA B 152 22.89 2.70 -8.31
N TRP B 153 23.11 3.82 -7.65
CA TRP B 153 23.44 5.08 -8.31
C TRP B 153 24.91 5.41 -8.12
N LYS B 154 25.57 5.84 -9.19
CA LYS B 154 26.93 6.36 -9.10
C LYS B 154 26.98 7.73 -9.75
N ALA B 155 27.66 8.66 -9.09
CA ALA B 155 27.92 10.00 -9.63
C ALA B 155 29.43 10.17 -9.67
N ASP B 156 29.98 10.31 -10.88
CA ASP B 156 31.43 10.29 -11.07
C ASP B 156 32.06 9.11 -10.33
N SER B 157 31.44 7.94 -10.49
CA SER B 157 31.87 6.65 -9.95
C SER B 157 31.73 6.53 -8.43
N SER B 158 31.15 7.52 -7.76
CA SER B 158 30.99 7.41 -6.33
C SER B 158 29.62 6.85 -6.00
N PRO B 159 29.53 5.71 -5.33
CA PRO B 159 28.19 5.15 -5.00
C PRO B 159 27.41 5.99 -4.01
N SER B 160 26.14 6.21 -4.33
CA SER B 160 25.32 7.15 -3.60
C SER B 160 24.53 6.41 -2.52
N LYS B 161 24.38 7.04 -1.35
CA LYS B 161 23.50 6.49 -0.32
C LYS B 161 22.64 7.56 0.31
N ALA B 162 21.37 7.19 0.48
CA ALA B 162 20.25 8.10 0.66
C ALA B 162 20.13 8.93 -0.62
N GLY B 163 19.26 9.91 -0.62
CA GLY B 163 19.20 10.60 -1.87
C GLY B 163 18.51 9.86 -3.00
N VAL B 164 18.06 8.61 -2.80
CA VAL B 164 17.28 7.93 -3.83
C VAL B 164 16.04 7.30 -3.20
N GLU B 165 14.94 7.34 -3.94
CA GLU B 165 13.71 6.67 -3.54
C GLU B 165 13.18 5.82 -4.69
N THR B 166 12.63 4.65 -4.36
CA THR B 166 12.11 3.72 -5.35
C THR B 166 10.59 3.63 -5.24
N THR B 167 9.95 3.41 -6.40
CA THR B 167 8.53 3.10 -6.46
C THR B 167 8.32 1.94 -7.42
N THR B 168 7.39 1.03 -7.08
CA THR B 168 7.09 -0.13 -7.93
C THR B 168 5.58 -0.20 -8.20
N PRO B 169 5.13 -0.41 -9.44
CA PRO B 169 3.69 -0.73 -9.65
C PRO B 169 3.31 -2.12 -9.21
N SER B 170 2.01 -2.28 -9.04
CA SER B 170 1.45 -3.59 -8.89
C SER B 170 1.62 -4.39 -10.18
N LYS B 171 1.54 -5.71 -10.03
CA LYS B 171 1.68 -6.61 -11.16
C LYS B 171 0.64 -6.29 -12.23
N GLN B 172 1.08 -6.25 -13.50
CA GLN B 172 0.19 -5.94 -14.63
C GLN B 172 -0.42 -7.24 -15.17
N SER B 173 -1.16 -7.16 -16.28
CA SER B 173 -1.79 -8.34 -16.87
C SER B 173 -0.99 -8.94 -18.04
N ASN B 174 0.28 -8.55 -18.19
CA ASN B 174 1.34 -9.44 -18.65
C ASN B 174 2.15 -9.96 -17.47
N ASN B 175 1.67 -9.69 -16.25
CA ASN B 175 2.21 -10.22 -15.00
C ASN B 175 3.58 -9.67 -14.65
N LYS B 176 4.01 -8.58 -15.26
CA LYS B 176 5.29 -7.97 -14.97
C LYS B 176 5.14 -6.80 -14.00
N TYR B 177 6.28 -6.32 -13.54
CA TYR B 177 6.42 -5.15 -12.70
C TYR B 177 7.24 -4.10 -13.42
N SER B 178 7.10 -2.85 -12.99
CA SER B 178 8.00 -1.78 -13.40
C SER B 178 8.44 -1.05 -12.15
N LEU B 179 9.56 -0.35 -12.23
CA LEU B 179 10.16 0.25 -11.05
C LEU B 179 10.82 1.55 -11.44
N SER B 180 10.69 2.57 -10.61
CA SER B 180 11.44 3.80 -10.79
C SER B 180 12.36 3.98 -9.61
N SER B 181 13.54 4.52 -9.86
CA SER B 181 14.42 4.97 -8.80
C SER B 181 14.81 6.40 -9.12
N VAL B 182 14.59 7.30 -8.16
CA VAL B 182 14.78 8.72 -8.38
C VAL B 182 15.88 9.22 -7.44
N LEU B 183 16.93 9.75 -8.03
CA LEU B 183 18.05 10.37 -7.33
C LEU B 183 17.81 11.87 -7.24
N SER B 184 17.82 12.42 -6.03
CA SER B 184 17.62 13.85 -5.82
C SER B 184 18.92 14.48 -5.36
N LEU B 185 19.34 15.55 -6.04
CA LEU B 185 20.54 16.29 -5.69
C LEU B 185 20.25 17.77 -5.77
N THR B 186 21.03 18.59 -5.06
CA THR B 186 20.93 20.03 -5.31
C THR B 186 21.54 20.33 -6.69
N PRO B 187 21.11 21.41 -7.34
CA PRO B 187 21.74 21.74 -8.62
C PRO B 187 23.19 22.10 -8.48
N GLU B 188 23.64 22.69 -7.35
CA GLU B 188 25.07 22.93 -7.21
C GLU B 188 25.81 21.61 -7.31
N GLN B 189 25.33 20.60 -6.57
CA GLN B 189 25.94 19.28 -6.61
C GLN B 189 25.80 18.65 -7.99
N TRP B 190 24.64 18.84 -8.65
CA TRP B 190 24.50 18.28 -10.00
C TRP B 190 25.54 18.87 -10.95
N LYS B 191 25.76 20.18 -10.88
CA LYS B 191 26.69 20.86 -11.77
C LYS B 191 28.14 20.60 -11.40
N SER B 192 28.39 20.06 -10.20
CA SER B 192 29.74 19.68 -9.77
C SER B 192 30.26 18.38 -10.39
N HIS B 193 29.41 17.60 -11.07
CA HIS B 193 29.81 16.26 -11.50
C HIS B 193 29.37 16.01 -12.93
N ARG B 194 30.02 15.01 -13.55
CA ARG B 194 29.85 14.74 -14.97
C ARG B 194 29.06 13.46 -15.25
N SER B 195 29.47 12.31 -14.75
CA SER B 195 28.83 11.06 -15.15
C SER B 195 27.77 10.66 -14.13
N TYR B 196 26.55 10.42 -14.61
CA TYR B 196 25.45 9.96 -13.79
C TYR B 196 25.05 8.58 -14.30
N SER B 197 25.10 7.57 -13.42
CA SER B 197 24.84 6.21 -13.87
C SER B 197 23.93 5.45 -12.91
N CYS B 198 23.02 4.69 -13.49
CA CYS B 198 22.11 3.78 -12.81
C CYS B 198 22.57 2.38 -13.18
N GLN B 199 22.86 1.55 -12.16
CA GLN B 199 23.26 0.16 -12.40
C GLN B 199 22.20 -0.79 -11.84
N VAL B 200 21.73 -1.71 -12.67
CA VAL B 200 20.56 -2.53 -12.40
C VAL B 200 20.97 -3.99 -12.35
N THR B 201 20.63 -4.66 -11.25
CA THR B 201 20.83 -6.09 -11.07
C THR B 201 19.48 -6.78 -10.98
N HIS B 202 19.31 -7.83 -11.78
CA HIS B 202 18.07 -8.59 -11.83
C HIS B 202 18.43 -9.97 -12.36
N GLU B 203 17.44 -10.85 -12.45
CA GLU B 203 17.70 -12.10 -13.14
C GLU B 203 17.83 -11.81 -14.64
N GLY B 204 18.70 -10.85 -14.98
CA GLY B 204 19.31 -10.65 -16.29
C GLY B 204 20.83 -10.78 -16.18
N SER B 205 21.61 -9.70 -16.31
CA SER B 205 22.95 -9.78 -15.71
C SER B 205 23.30 -8.64 -14.76
N THR B 206 23.68 -7.49 -15.31
CA THR B 206 23.89 -6.26 -14.53
C THR B 206 24.16 -5.12 -15.52
N VAL B 207 23.17 -4.26 -15.71
CA VAL B 207 23.12 -3.32 -16.83
C VAL B 207 23.30 -1.92 -16.30
N GLU B 208 24.12 -1.11 -16.98
CA GLU B 208 24.34 0.26 -16.58
C GLU B 208 23.83 1.20 -17.67
N LYS B 209 23.01 2.16 -17.27
CA LYS B 209 22.60 3.25 -18.14
C LYS B 209 23.15 4.55 -17.56
N THR B 210 23.71 5.39 -18.42
CA THR B 210 24.47 6.53 -17.93
C THR B 210 24.32 7.70 -18.89
N PHE B 211 24.61 8.90 -18.38
CA PHE B 211 24.75 10.08 -19.23
C PHE B 211 25.80 11.02 -18.64
N ALA B 212 26.32 11.90 -19.50
CA ALA B 212 27.23 12.95 -19.09
C ALA B 212 26.53 14.30 -19.20
N PRO B 213 26.25 14.99 -18.10
CA PRO B 213 25.77 16.38 -18.17
C PRO B 213 26.78 17.45 -18.56
N THR B 214 27.77 17.62 -17.68
CA THR B 214 28.42 18.91 -17.42
C THR B 214 29.84 18.73 -16.88
#